data_3U0B
#
_entry.id   3U0B
#
_cell.length_a   102.730
_cell.length_b   58.220
_cell.length_c   76.880
_cell.angle_alpha   90.000
_cell.angle_beta   127.820
_cell.angle_gamma   90.000
#
_symmetry.space_group_name_H-M   'C 1 2 1'
#
loop_
_entity.id
_entity.type
_entity.pdbx_description
1 polymer 'Oxidoreductase, short chain dehydrogenase/reductase family protein'
2 non-polymer 'SODIUM ION'
3 water water
#
_entity_poly.entity_id   1
_entity_poly.type   'polypeptide(L)'
_entity_poly.pdbx_seq_one_letter_code
;GPGSMASDLFSQVVNSGPGSFLAKQLGVPQPETLRRYRPGDPPLAGSLLIGGSGRVAEPLRTALADDYNLVSNNIGGRWA
DSFGGVVFDATGITEAEGLKELYTFFTPLLRNLAPCARVVVVGTTPAEAGSVHAQVVQRALEGFTRSLGKELRRGATVSL
VYLSADAKPGATGLESTMRFILSAKSAYVDGQVFRVGAADSTPPADWDKPLDGKVAVVTGAARGIGATIAEVFARDGATV
VAIDVDGAAEDLKRVADKVGGTALTLDVTADDAVDKITAHVTEHHGGKVDILVNNAGITRDKLLANMDEKRWDAVIAVNL
LAPQRLTEGLVGNGTIGEGGRVIGLSSMAGIAGNRGQTNYATTKAGMIGLAEALAPVLADKGITINAVAPGFIETKMTEA
IPLATREVGRRLNSLFQGGQPVDVAELIAYFASPASNAVTGNTIRVCGQAMLGA
;
_entity_poly.pdbx_strand_id   A
#
loop_
_chem_comp.id
_chem_comp.type
_chem_comp.name
_chem_comp.formula
NA non-polymer 'SODIUM ION' 'Na 1'
#
# COMPACT_ATOMS: atom_id res chain seq x y z
N GLN A 30 21.96 -11.63 -10.33
CA GLN A 30 21.85 -10.23 -10.82
C GLN A 30 20.45 -9.72 -10.52
N PRO A 31 20.31 -8.40 -10.27
CA PRO A 31 18.94 -7.93 -10.03
C PRO A 31 18.08 -7.98 -11.28
N GLU A 32 16.83 -8.33 -11.10
CA GLU A 32 15.88 -8.38 -12.19
C GLU A 32 15.45 -6.96 -12.58
N THR A 33 15.23 -6.72 -13.88
CA THR A 33 14.55 -5.51 -14.30
C THR A 33 13.08 -5.69 -14.03
N LEU A 34 12.56 -4.97 -13.05
CA LEU A 34 11.21 -5.23 -12.62
C LEU A 34 10.18 -4.64 -13.56
N ARG A 35 9.17 -5.44 -13.85
CA ARG A 35 7.99 -4.99 -14.59
C ARG A 35 7.29 -3.89 -13.77
N ARG A 36 6.95 -2.79 -14.44
CA ARG A 36 6.16 -1.70 -13.78
C ARG A 36 4.98 -1.32 -14.67
N TYR A 37 4.08 -0.48 -14.16
CA TYR A 37 2.80 -0.25 -14.83
C TYR A 37 2.88 0.93 -15.80
N ARG A 38 2.25 0.77 -16.97
CA ARG A 38 1.94 1.89 -17.85
C ARG A 38 0.47 1.82 -18.22
N PRO A 39 -0.15 2.98 -18.49
CA PRO A 39 -1.58 3.04 -18.81
C PRO A 39 -1.98 2.06 -19.89
N GLY A 40 -3.08 1.36 -19.60
CA GLY A 40 -3.63 0.41 -20.55
C GLY A 40 -3.05 -0.99 -20.46
N ASP A 41 -2.05 -1.21 -19.61
CA ASP A 41 -1.39 -2.53 -19.52
C ASP A 41 -2.36 -3.57 -18.94
N PRO A 42 -2.31 -4.80 -19.43
CA PRO A 42 -3.04 -5.84 -18.72
C PRO A 42 -2.39 -6.05 -17.36
N PRO A 43 -3.13 -6.62 -16.43
CA PRO A 43 -2.54 -6.72 -15.08
C PRO A 43 -1.31 -7.64 -15.03
N LEU A 44 -1.35 -8.77 -15.72
CA LEU A 44 -0.26 -9.73 -15.63
C LEU A 44 0.30 -10.05 -17.02
N ALA A 45 1.58 -10.38 -17.00
CA ALA A 45 2.26 -11.00 -18.12
C ALA A 45 2.26 -12.48 -17.73
N GLY A 46 1.16 -13.11 -18.08
CA GLY A 46 1.00 -14.54 -17.89
C GLY A 46 -0.38 -14.82 -17.31
N SER A 47 -0.62 -16.07 -16.98
CA SER A 47 -1.93 -16.46 -16.51
C SER A 47 -2.03 -16.30 -15.00
N LEU A 48 -3.27 -16.44 -14.50
CA LEU A 48 -3.54 -16.38 -13.07
C LEU A 48 -4.15 -17.73 -12.65
N LEU A 49 -3.45 -18.47 -11.79
CA LEU A 49 -3.96 -19.72 -11.24
C LEU A 49 -4.45 -19.44 -9.83
N ILE A 50 -5.69 -19.77 -9.58
CA ILE A 50 -6.28 -19.64 -8.25
C ILE A 50 -6.65 -21.02 -7.76
N GLY A 51 -6.21 -21.37 -6.56
CA GLY A 51 -6.55 -22.65 -5.96
C GLY A 51 -6.72 -22.56 -4.45
N GLY A 52 -6.82 -23.72 -3.81
CA GLY A 52 -7.10 -23.83 -2.37
C GLY A 52 -8.57 -24.01 -2.14
N SER A 53 -8.97 -24.61 -1.03
CA SER A 53 -10.39 -24.96 -0.88
C SER A 53 -11.08 -24.16 0.24
N GLY A 54 -10.77 -22.88 0.29
CA GLY A 54 -11.44 -22.00 1.25
C GLY A 54 -12.62 -21.22 0.71
N ARG A 55 -12.97 -20.15 1.42
CA ARG A 55 -14.15 -19.34 1.09
C ARG A 55 -13.89 -18.23 0.08
N VAL A 56 -12.65 -18.10 -0.40
CA VAL A 56 -12.26 -17.01 -1.29
C VAL A 56 -12.03 -17.43 -2.74
N ALA A 57 -11.52 -18.64 -2.96
CA ALA A 57 -11.13 -19.04 -4.29
C ALA A 57 -12.23 -18.82 -5.34
N GLU A 58 -13.43 -19.30 -5.09
CA GLU A 58 -14.50 -19.21 -6.09
C GLU A 58 -14.97 -17.79 -6.37
N PRO A 59 -15.29 -17.03 -5.31
CA PRO A 59 -15.71 -15.67 -5.60
C PRO A 59 -14.61 -14.83 -6.22
N LEU A 60 -13.35 -15.12 -5.92
CA LEU A 60 -12.22 -14.41 -6.54
C LEU A 60 -12.13 -14.74 -8.03
N ARG A 61 -12.28 -16.02 -8.38
CA ARG A 61 -12.38 -16.40 -9.82
C ARG A 61 -13.47 -15.60 -10.53
N THR A 62 -14.62 -15.50 -9.91
CA THR A 62 -15.77 -14.82 -10.50
C THR A 62 -15.44 -13.35 -10.71
N ALA A 63 -14.82 -12.72 -9.72
CA ALA A 63 -14.52 -11.29 -9.77
C ALA A 63 -13.47 -10.97 -10.80
N LEU A 64 -12.46 -11.83 -10.94
CA LEU A 64 -11.31 -11.52 -11.79
C LEU A 64 -11.35 -12.12 -13.21
N ALA A 65 -12.38 -12.91 -13.50
CA ALA A 65 -12.42 -13.62 -14.79
C ALA A 65 -12.33 -12.73 -16.01
N ASP A 66 -13.02 -11.59 -16.02
CA ASP A 66 -13.05 -10.74 -17.23
C ASP A 66 -11.68 -10.14 -17.53
N ASP A 67 -10.93 -9.79 -16.50
CA ASP A 67 -9.72 -9.00 -16.65
C ASP A 67 -8.40 -9.78 -16.61
N TYR A 68 -8.46 -11.04 -16.18
CA TYR A 68 -7.29 -11.91 -16.01
C TYR A 68 -7.53 -13.19 -16.81
N ASN A 69 -6.47 -13.81 -17.28
CA ASN A 69 -6.60 -15.10 -17.93
C ASN A 69 -6.43 -16.17 -16.91
N LEU A 70 -7.55 -16.66 -16.41
CA LEU A 70 -7.56 -17.67 -15.36
C LEU A 70 -7.26 -19.04 -15.90
N VAL A 71 -6.44 -19.76 -15.15
CA VAL A 71 -6.22 -21.21 -15.33
C VAL A 71 -6.39 -21.97 -14.01
N SER A 72 -6.55 -23.27 -14.08
CA SER A 72 -6.72 -24.09 -12.88
CA SER A 72 -6.69 -24.07 -12.87
C SER A 72 -5.59 -25.08 -12.71
N ASN A 73 -5.44 -25.56 -11.49
CA ASN A 73 -4.54 -26.64 -11.22
C ASN A 73 -5.03 -27.88 -11.98
N ASN A 74 -4.11 -28.70 -12.43
CA ASN A 74 -4.48 -29.98 -13.01
C ASN A 74 -3.41 -31.00 -12.65
N ILE A 75 -3.80 -32.26 -12.54
CA ILE A 75 -2.83 -33.27 -12.11
C ILE A 75 -1.79 -33.56 -13.17
N GLY A 76 -2.06 -33.23 -14.43
CA GLY A 76 -1.05 -33.44 -15.49
C GLY A 76 0.09 -32.45 -15.44
N GLY A 77 -0.11 -31.36 -14.70
CA GLY A 77 0.92 -30.33 -14.63
C GLY A 77 1.22 -29.67 -15.95
N ARG A 78 0.15 -29.40 -16.68
CA ARG A 78 0.24 -28.78 -18.00
C ARG A 78 -0.47 -27.45 -18.07
N TRP A 79 0.28 -26.44 -18.50
CA TRP A 79 -0.23 -25.09 -18.72
C TRP A 79 0.46 -24.45 -19.92
N ALA A 80 -0.34 -23.90 -20.84
CA ALA A 80 0.24 -23.27 -22.06
C ALA A 80 1.17 -22.12 -21.75
N ASP A 81 0.82 -21.31 -20.76
CA ASP A 81 1.60 -20.13 -20.43
CA ASP A 81 1.56 -20.11 -20.41
C ASP A 81 2.25 -20.26 -19.05
N SER A 82 3.30 -19.46 -18.84
N SER A 82 3.31 -19.48 -18.85
CA SER A 82 3.84 -19.26 -17.51
CA SER A 82 3.87 -19.27 -17.52
C SER A 82 2.83 -18.50 -16.69
C SER A 82 2.85 -18.49 -16.69
N PHE A 83 2.90 -18.68 -15.39
CA PHE A 83 1.99 -17.99 -14.46
C PHE A 83 2.49 -16.59 -14.17
N GLY A 84 1.63 -15.60 -14.41
CA GLY A 84 1.89 -14.25 -13.98
C GLY A 84 1.47 -14.11 -12.53
N GLY A 85 0.57 -14.97 -12.06
CA GLY A 85 0.14 -14.95 -10.67
C GLY A 85 -0.33 -16.30 -10.21
N VAL A 86 -0.09 -16.60 -8.94
CA VAL A 86 -0.60 -17.80 -8.31
C VAL A 86 -1.19 -17.42 -6.98
N VAL A 87 -2.49 -17.72 -6.78
CA VAL A 87 -3.13 -17.38 -5.54
C VAL A 87 -3.58 -18.68 -4.86
N PHE A 88 -3.18 -18.86 -3.61
CA PHE A 88 -3.65 -19.95 -2.78
C PHE A 88 -4.58 -19.46 -1.68
N ASP A 89 -5.83 -19.92 -1.70
CA ASP A 89 -6.78 -19.67 -0.66
C ASP A 89 -6.60 -20.66 0.52
N ALA A 90 -6.00 -20.16 1.60
CA ALA A 90 -5.74 -20.91 2.83
C ALA A 90 -6.80 -20.67 3.90
N THR A 91 -7.88 -19.99 3.58
CA THR A 91 -8.89 -19.63 4.59
C THR A 91 -9.60 -20.86 5.22
N GLY A 92 -9.53 -21.97 4.54
CA GLY A 92 -10.14 -23.23 5.01
C GLY A 92 -9.26 -24.07 5.92
N ILE A 93 -7.97 -23.69 6.06
CA ILE A 93 -7.02 -24.52 6.82
C ILE A 93 -7.23 -24.19 8.31
N THR A 94 -7.47 -25.22 9.10
CA THR A 94 -7.82 -25.05 10.51
C THR A 94 -6.93 -25.86 11.46
N GLU A 95 -6.08 -26.72 10.93
CA GLU A 95 -5.23 -27.58 11.74
C GLU A 95 -3.84 -27.64 11.15
N ALA A 96 -2.83 -27.87 11.98
CA ALA A 96 -1.45 -27.87 11.50
C ALA A 96 -1.20 -28.91 10.40
N GLU A 97 -1.87 -30.05 10.46
CA GLU A 97 -1.75 -31.06 9.40
C GLU A 97 -2.18 -30.50 8.06
N GLY A 98 -3.16 -29.59 8.11
CA GLY A 98 -3.67 -28.95 6.90
C GLY A 98 -2.72 -28.00 6.20
N LEU A 99 -1.69 -27.55 6.92
CA LEU A 99 -0.67 -26.69 6.36
C LEU A 99 0.11 -27.41 5.25
N LYS A 100 0.07 -28.73 5.22
CA LYS A 100 0.75 -29.51 4.19
C LYS A 100 0.25 -29.14 2.77
N GLU A 101 -0.96 -28.62 2.69
CA GLU A 101 -1.51 -28.20 1.39
C GLU A 101 -0.72 -27.05 0.78
N LEU A 102 -0.02 -26.28 1.60
CA LEU A 102 0.87 -25.26 1.08
C LEU A 102 1.93 -25.88 0.22
N TYR A 103 2.44 -27.01 0.68
CA TYR A 103 3.48 -27.76 0.00
C TYR A 103 2.88 -28.44 -1.23
N THR A 104 1.80 -29.18 -1.02
CA THR A 104 1.21 -29.95 -2.11
C THR A 104 0.75 -29.06 -3.25
N PHE A 105 0.23 -27.90 -2.90
CA PHE A 105 -0.21 -26.90 -3.91
C PHE A 105 0.97 -26.21 -4.62
N PHE A 106 1.84 -25.60 -3.86
CA PHE A 106 2.87 -24.78 -4.49
C PHE A 106 4.02 -25.52 -5.14
N THR A 107 4.50 -26.63 -4.58
CA THR A 107 5.78 -27.16 -5.03
C THR A 107 5.77 -27.49 -6.54
N PRO A 108 4.67 -28.08 -7.04
CA PRO A 108 4.58 -28.36 -8.49
C PRO A 108 4.36 -27.14 -9.41
N LEU A 109 4.04 -25.98 -8.84
CA LEU A 109 3.76 -24.78 -9.63
C LEU A 109 4.93 -23.84 -9.81
N LEU A 110 5.93 -23.95 -8.94
CA LEU A 110 6.92 -22.90 -8.83
C LEU A 110 7.78 -22.83 -10.08
N ARG A 111 7.96 -23.94 -10.78
CA ARG A 111 8.85 -23.88 -11.94
C ARG A 111 8.23 -23.21 -13.15
N ASN A 112 6.93 -22.97 -13.09
CA ASN A 112 6.19 -22.32 -14.18
C ASN A 112 5.92 -20.85 -13.94
N LEU A 113 6.53 -20.24 -12.93
CA LEU A 113 6.38 -18.81 -12.73
C LEU A 113 7.10 -17.97 -13.77
N ALA A 114 6.43 -16.92 -14.26
CA ALA A 114 7.02 -15.90 -15.13
C ALA A 114 7.89 -14.97 -14.33
N PRO A 115 8.83 -14.29 -14.99
CA PRO A 115 9.54 -13.22 -14.30
C PRO A 115 8.55 -12.21 -13.72
N CYS A 116 8.86 -11.69 -12.54
CA CYS A 116 7.98 -10.77 -11.82
C CYS A 116 6.57 -11.32 -11.55
N ALA A 117 6.45 -12.63 -11.40
CA ALA A 117 5.17 -13.25 -11.04
C ALA A 117 4.79 -12.84 -9.64
N ARG A 118 3.52 -13.01 -9.36
CA ARG A 118 2.95 -12.66 -8.06
C ARG A 118 2.39 -13.91 -7.41
N VAL A 119 2.93 -14.23 -6.25
CA VAL A 119 2.43 -15.34 -5.43
C VAL A 119 1.71 -14.75 -4.22
N VAL A 120 0.49 -15.21 -3.98
CA VAL A 120 -0.34 -14.66 -2.89
C VAL A 120 -0.98 -15.81 -2.10
N VAL A 121 -0.92 -15.70 -0.77
CA VAL A 121 -1.69 -16.58 0.10
C VAL A 121 -2.75 -15.71 0.74
N VAL A 122 -4.00 -16.18 0.72
CA VAL A 122 -5.10 -15.51 1.39
C VAL A 122 -5.53 -16.36 2.59
N GLY A 123 -5.52 -15.75 3.78
CA GLY A 123 -5.96 -16.41 4.99
C GLY A 123 -7.05 -15.61 5.67
N THR A 124 -7.48 -16.11 6.83
CA THR A 124 -8.43 -15.45 7.70
C THR A 124 -7.67 -14.71 8.78
N THR A 125 -8.05 -13.47 9.02
CA THR A 125 -7.49 -12.68 10.13
C THR A 125 -7.31 -13.60 11.33
N PRO A 126 -6.06 -13.76 11.81
CA PRO A 126 -5.89 -14.87 12.74
C PRO A 126 -6.77 -14.87 13.97
N ALA A 127 -6.98 -13.70 14.58
CA ALA A 127 -7.77 -13.59 15.81
C ALA A 127 -9.25 -13.93 15.56
N GLU A 128 -9.65 -13.92 14.30
CA GLU A 128 -11.01 -14.22 13.86
C GLU A 128 -11.21 -15.62 13.32
N ALA A 129 -10.16 -16.43 13.36
CA ALA A 129 -10.20 -17.76 12.76
C ALA A 129 -11.09 -18.81 13.46
N GLY A 130 -11.52 -18.49 14.67
N GLY A 130 -11.47 -18.60 14.71
CA GLY A 130 -12.47 -19.29 15.44
CA GLY A 130 -12.60 -19.35 15.31
C GLY A 130 -11.73 -20.08 16.50
C GLY A 130 -12.35 -20.53 16.25
N SER A 131 -11.23 -21.23 16.12
CA SER A 131 -10.71 -22.14 17.15
C SER A 131 -9.27 -21.73 17.43
N VAL A 132 -8.78 -22.12 18.60
CA VAL A 132 -7.34 -22.00 18.87
C VAL A 132 -6.48 -22.60 17.75
N HIS A 133 -6.77 -23.83 17.31
CA HIS A 133 -5.95 -24.45 16.29
C HIS A 133 -5.98 -23.66 14.98
N ALA A 134 -7.15 -23.12 14.62
CA ALA A 134 -7.27 -22.35 13.39
C ALA A 134 -6.49 -21.03 13.46
N GLN A 135 -6.56 -20.38 14.61
CA GLN A 135 -5.78 -19.15 14.80
CA GLN A 135 -5.80 -19.16 14.84
C GLN A 135 -4.29 -19.41 14.70
N VAL A 136 -3.83 -20.53 15.26
CA VAL A 136 -2.41 -20.88 15.18
C VAL A 136 -1.95 -21.02 13.71
N VAL A 137 -2.71 -21.77 12.92
CA VAL A 137 -2.27 -21.99 11.55
CA VAL A 137 -2.40 -22.03 11.52
C VAL A 137 -2.43 -20.75 10.68
N GLN A 138 -3.44 -19.92 10.93
CA GLN A 138 -3.58 -18.71 10.15
C GLN A 138 -2.44 -17.71 10.42
N ARG A 139 -2.01 -17.63 11.68
CA ARG A 139 -0.87 -16.86 12.06
C ARG A 139 0.43 -17.43 11.46
N ALA A 140 0.53 -18.76 11.41
CA ALA A 140 1.72 -19.44 10.91
C ALA A 140 2.00 -19.10 9.45
N LEU A 141 0.96 -18.70 8.71
CA LEU A 141 1.09 -18.42 7.29
C LEU A 141 2.13 -17.34 7.00
N GLU A 142 2.38 -16.43 7.94
CA GLU A 142 3.33 -15.38 7.68
C GLU A 142 4.76 -15.88 7.65
N GLY A 143 5.06 -16.93 8.40
CA GLY A 143 6.38 -17.52 8.33
C GLY A 143 6.58 -18.16 6.97
N PHE A 144 5.52 -18.78 6.46
CA PHE A 144 5.59 -19.38 5.14
C PHE A 144 5.82 -18.31 4.04
N THR A 145 4.97 -17.29 4.00
CA THR A 145 5.09 -16.31 2.93
C THR A 145 6.40 -15.53 2.98
N ARG A 146 6.81 -15.11 4.16
CA ARG A 146 8.06 -14.35 4.27
C ARG A 146 9.23 -15.21 3.79
N SER A 147 9.19 -16.50 4.09
CA SER A 147 10.25 -17.40 3.62
C SER A 147 10.19 -17.57 2.12
N LEU A 148 9.00 -17.79 1.59
CA LEU A 148 8.90 -18.00 0.13
C LEU A 148 9.38 -16.77 -0.64
N GLY A 149 9.15 -15.57 -0.10
CA GLY A 149 9.67 -14.36 -0.73
C GLY A 149 11.17 -14.36 -0.95
N LYS A 150 11.87 -15.06 -0.05
CA LYS A 150 13.31 -15.12 -0.11
C LYS A 150 13.83 -16.24 -0.99
N GLU A 151 12.90 -17.00 -1.57
CA GLU A 151 13.20 -18.04 -2.53
C GLU A 151 12.78 -17.76 -3.95
N LEU A 152 11.78 -16.91 -4.15
CA LEU A 152 11.30 -16.68 -5.51
C LEU A 152 12.36 -16.04 -6.39
N ARG A 153 12.36 -16.42 -7.66
CA ARG A 153 13.35 -15.97 -8.63
C ARG A 153 12.82 -14.86 -9.55
N ARG A 154 13.75 -14.18 -10.22
CA ARG A 154 13.40 -13.37 -11.39
C ARG A 154 12.36 -12.27 -11.08
N GLY A 155 12.52 -11.64 -9.92
CA GLY A 155 11.72 -10.51 -9.51
C GLY A 155 10.31 -10.83 -9.01
N ALA A 156 10.00 -12.10 -8.87
CA ALA A 156 8.68 -12.48 -8.40
C ALA A 156 8.59 -12.10 -6.92
N THR A 157 7.38 -11.80 -6.50
CA THR A 157 7.13 -11.40 -5.13
C THR A 157 6.08 -12.29 -4.46
N VAL A 158 6.02 -12.17 -3.11
CA VAL A 158 5.05 -12.92 -2.33
C VAL A 158 4.27 -11.94 -1.46
N SER A 159 3.00 -12.25 -1.22
CA SER A 159 2.13 -11.42 -0.36
C SER A 159 1.25 -12.32 0.46
N LEU A 160 0.88 -11.84 1.65
CA LEU A 160 -0.13 -12.51 2.50
C LEU A 160 -1.25 -11.51 2.68
N VAL A 161 -2.46 -11.96 2.40
CA VAL A 161 -3.65 -11.14 2.60
C VAL A 161 -4.56 -11.88 3.58
N TYR A 162 -4.93 -11.21 4.66
CA TYR A 162 -5.96 -11.70 5.57
C TYR A 162 -7.28 -11.00 5.27
N LEU A 163 -8.36 -11.79 5.34
CA LEU A 163 -9.71 -11.30 5.17
C LEU A 163 -10.49 -11.63 6.43
N SER A 164 -11.19 -10.64 6.95
CA SER A 164 -12.08 -10.85 8.07
C SER A 164 -13.01 -12.04 7.88
N ALA A 165 -13.21 -12.78 8.96
CA ALA A 165 -14.17 -13.87 8.97
C ALA A 165 -15.62 -13.40 8.70
N ASP A 166 -15.87 -12.11 8.92
CA ASP A 166 -17.20 -11.53 8.73
C ASP A 166 -17.47 -10.93 7.36
N ALA A 167 -16.48 -10.95 6.47
CA ALA A 167 -16.72 -10.64 5.07
C ALA A 167 -17.80 -11.53 4.47
N LYS A 168 -18.60 -10.93 3.59
CA LYS A 168 -19.62 -11.70 2.91
C LYS A 168 -18.97 -12.71 1.94
N PRO A 169 -19.73 -13.75 1.58
CA PRO A 169 -19.24 -14.71 0.61
C PRO A 169 -18.63 -14.10 -0.65
N GLY A 170 -19.18 -12.99 -1.15
CA GLY A 170 -18.65 -12.30 -2.33
C GLY A 170 -17.20 -11.82 -2.24
N ALA A 171 -16.76 -11.55 -1.00
CA ALA A 171 -15.39 -11.10 -0.75
C ALA A 171 -15.01 -9.90 -1.60
N THR A 172 -15.97 -9.03 -1.90
CA THR A 172 -15.66 -7.85 -2.71
C THR A 172 -14.69 -6.89 -2.03
N GLY A 173 -14.65 -6.93 -0.70
CA GLY A 173 -13.76 -6.06 0.05
C GLY A 173 -12.27 -6.30 -0.20
N LEU A 174 -11.88 -7.48 -0.68
CA LEU A 174 -10.48 -7.71 -0.94
C LEU A 174 -10.11 -7.51 -2.40
N GLU A 175 -11.07 -7.15 -3.25
CA GLU A 175 -10.77 -7.07 -4.68
C GLU A 175 -9.68 -6.05 -5.01
N SER A 176 -9.74 -4.86 -4.43
CA SER A 176 -8.73 -3.84 -4.75
C SER A 176 -7.33 -4.25 -4.33
N THR A 177 -7.25 -5.02 -3.24
CA THR A 177 -5.98 -5.53 -2.72
C THR A 177 -5.42 -6.56 -3.69
N MET A 178 -6.26 -7.50 -4.11
CA MET A 178 -5.80 -8.47 -5.06
C MET A 178 -5.39 -7.86 -6.41
N ARG A 179 -6.16 -6.89 -6.90
CA ARG A 179 -5.81 -6.23 -8.17
C ARG A 179 -4.53 -5.40 -8.08
N PHE A 180 -4.26 -4.76 -6.94
CA PHE A 180 -2.98 -4.12 -6.72
C PHE A 180 -1.83 -5.14 -6.72
N ILE A 181 -1.97 -6.21 -5.94
CA ILE A 181 -0.89 -7.18 -5.82
C ILE A 181 -0.65 -7.82 -7.19
N LEU A 182 -1.74 -8.27 -7.83
CA LEU A 182 -1.70 -8.98 -9.12
C LEU A 182 -1.63 -7.98 -10.27
N SER A 183 -0.55 -7.20 -10.26
CA SER A 183 -0.30 -6.23 -11.30
C SER A 183 1.17 -5.82 -11.22
N ALA A 184 1.62 -5.06 -12.19
CA ALA A 184 2.99 -4.52 -12.20
C ALA A 184 3.12 -3.43 -11.16
N LYS A 185 1.99 -2.89 -10.70
CA LYS A 185 2.06 -1.74 -9.79
C LYS A 185 2.78 -2.06 -8.49
N SER A 186 2.62 -3.30 -8.04
CA SER A 186 3.17 -3.76 -6.77
C SER A 186 4.63 -4.21 -6.84
N ALA A 187 5.36 -3.77 -7.85
CA ALA A 187 6.72 -4.25 -8.14
C ALA A 187 7.67 -4.35 -6.97
N TYR A 188 7.64 -3.36 -6.08
CA TYR A 188 8.62 -3.30 -4.98
C TYR A 188 7.98 -3.59 -3.62
N VAL A 189 6.74 -4.08 -3.64
CA VAL A 189 6.09 -4.52 -2.40
C VAL A 189 6.28 -6.03 -2.31
N ASP A 190 6.94 -6.50 -1.27
CA ASP A 190 7.33 -7.93 -1.27
C ASP A 190 7.42 -8.39 0.17
N GLY A 191 6.89 -9.59 0.46
CA GLY A 191 6.94 -10.14 1.79
C GLY A 191 5.94 -9.61 2.79
N GLN A 192 5.01 -8.80 2.33
CA GLN A 192 4.17 -8.02 3.26
C GLN A 192 2.84 -8.66 3.55
N VAL A 193 2.15 -8.04 4.52
CA VAL A 193 0.84 -8.56 5.02
C VAL A 193 -0.19 -7.45 4.85
N PHE A 194 -1.30 -7.78 4.17
CA PHE A 194 -2.44 -6.87 3.88
C PHE A 194 -3.59 -7.37 4.71
N ARG A 195 -4.30 -6.49 5.40
CA ARG A 195 -5.40 -6.88 6.29
C ARG A 195 -6.66 -6.19 5.85
N VAL A 196 -7.59 -7.00 5.34
CA VAL A 196 -8.87 -6.52 4.81
C VAL A 196 -9.95 -6.85 5.84
N GLY A 197 -10.81 -5.90 6.13
CA GLY A 197 -11.89 -6.08 7.08
C GLY A 197 -13.10 -6.71 6.41
N ALA A 198 -14.28 -6.39 6.94
CA ALA A 198 -15.51 -7.06 6.52
C ALA A 198 -16.40 -6.33 5.51
N ALA A 199 -16.12 -5.07 5.22
CA ALA A 199 -17.01 -4.27 4.38
C ALA A 199 -17.04 -4.78 2.94
N ASP A 200 -18.18 -4.56 2.30
CA ASP A 200 -18.31 -4.79 0.87
C ASP A 200 -17.71 -3.63 0.08
N SER A 201 -17.30 -3.88 -1.16
CA SER A 201 -16.75 -2.83 -2.02
C SER A 201 -17.41 -2.78 -3.38
N THR A 202 -17.35 -1.62 -4.03
CA THR A 202 -17.81 -1.41 -5.37
C THR A 202 -16.58 -1.12 -6.20
N PRO A 203 -16.47 -1.72 -7.39
CA PRO A 203 -15.35 -1.34 -8.24
C PRO A 203 -15.40 0.11 -8.68
N PRO A 204 -14.24 0.71 -8.93
CA PRO A 204 -14.32 1.99 -9.64
C PRO A 204 -14.97 1.83 -11.01
N ALA A 205 -15.34 2.93 -11.61
CA ALA A 205 -15.97 2.88 -12.91
C ALA A 205 -15.01 2.25 -13.92
N ASP A 206 -13.70 2.46 -13.72
CA ASP A 206 -12.65 1.97 -14.57
C ASP A 206 -11.44 1.61 -13.69
N TRP A 207 -11.07 0.33 -13.63
CA TRP A 207 -9.94 -0.08 -12.78
C TRP A 207 -8.61 0.54 -13.27
N ASP A 208 -8.58 0.96 -14.52
CA ASP A 208 -7.42 1.59 -15.08
C ASP A 208 -7.32 3.08 -14.83
N LYS A 209 -8.41 3.69 -14.33
CA LYS A 209 -8.41 5.08 -13.91
C LYS A 209 -9.18 5.12 -12.58
N PRO A 210 -8.63 4.44 -11.57
CA PRO A 210 -9.38 4.21 -10.38
C PRO A 210 -9.66 5.47 -9.56
N LEU A 211 -8.84 6.52 -9.77
CA LEU A 211 -9.01 7.78 -9.02
C LEU A 211 -9.73 8.88 -9.81
N ASP A 212 -10.41 8.50 -10.89
CA ASP A 212 -11.12 9.44 -11.73
C ASP A 212 -12.09 10.24 -10.87
N GLY A 213 -11.97 11.57 -10.97
CA GLY A 213 -12.90 12.45 -10.30
C GLY A 213 -12.47 12.76 -8.88
N LYS A 214 -11.45 12.08 -8.36
CA LYS A 214 -11.08 12.27 -6.95
C LYS A 214 -10.13 13.42 -6.84
N VAL A 215 -10.26 14.18 -5.77
CA VAL A 215 -9.37 15.30 -5.50
C VAL A 215 -8.36 14.83 -4.46
N ALA A 216 -7.08 14.90 -4.78
CA ALA A 216 -6.01 14.41 -3.91
C ALA A 216 -5.03 15.49 -3.51
N VAL A 217 -4.90 15.73 -2.20
CA VAL A 217 -3.91 16.68 -1.65
C VAL A 217 -2.68 15.88 -1.30
N VAL A 218 -1.52 16.30 -1.81
CA VAL A 218 -0.24 15.65 -1.54
C VAL A 218 0.69 16.69 -0.99
N THR A 219 1.12 16.51 0.25
CA THR A 219 2.09 17.44 0.80
C THR A 219 3.54 17.05 0.43
N GLY A 220 4.43 18.03 0.51
CA GLY A 220 5.79 17.81 0.05
C GLY A 220 5.88 17.40 -1.41
N ALA A 221 5.09 18.04 -2.27
CA ALA A 221 4.92 17.56 -3.63
C ALA A 221 5.80 18.24 -4.68
N ALA A 222 6.59 19.21 -4.27
CA ALA A 222 7.44 19.94 -5.25
C ALA A 222 8.48 19.06 -5.93
N ARG A 223 9.02 18.10 -5.20
CA ARG A 223 10.06 17.23 -5.72
C ARG A 223 10.05 15.90 -5.02
N GLY A 224 10.88 15.00 -5.54
CA GLY A 224 11.06 13.71 -4.92
C GLY A 224 9.83 12.85 -4.95
N ILE A 225 9.71 11.98 -3.95
CA ILE A 225 8.57 11.07 -3.90
C ILE A 225 7.24 11.81 -4.02
N GLY A 226 7.10 12.98 -3.38
CA GLY A 226 5.83 13.71 -3.44
C GLY A 226 5.43 14.07 -4.88
N ALA A 227 6.42 14.48 -5.68
CA ALA A 227 6.12 14.83 -7.08
C ALA A 227 5.70 13.60 -7.86
N THR A 228 6.28 12.47 -7.52
CA THR A 228 5.91 11.20 -8.21
C THR A 228 4.54 10.71 -7.80
N ILE A 229 4.20 10.89 -6.52
CA ILE A 229 2.85 10.63 -6.06
C ILE A 229 1.83 11.47 -6.86
N ALA A 230 2.10 12.77 -7.05
CA ALA A 230 1.25 13.61 -7.89
C ALA A 230 1.10 13.03 -9.30
N GLU A 231 2.23 12.62 -9.88
CA GLU A 231 2.22 12.07 -11.25
CA GLU A 231 2.24 12.06 -11.25
C GLU A 231 1.37 10.82 -11.35
N VAL A 232 1.54 9.90 -10.40
CA VAL A 232 0.82 8.61 -10.43
C VAL A 232 -0.65 8.86 -10.18
N PHE A 233 -0.94 9.74 -9.23
CA PHE A 233 -2.34 10.03 -8.95
C PHE A 233 -3.04 10.57 -10.19
N ALA A 234 -2.38 11.48 -10.91
CA ALA A 234 -2.98 12.09 -12.12
C ALA A 234 -3.14 11.06 -13.21
N ARG A 235 -2.15 10.20 -13.33
CA ARG A 235 -2.22 9.06 -14.29
C ARG A 235 -3.49 8.24 -14.06
N ASP A 236 -3.81 8.04 -12.77
CA ASP A 236 -4.96 7.26 -12.35
C ASP A 236 -6.28 8.02 -12.40
N GLY A 237 -6.23 9.28 -12.83
CA GLY A 237 -7.41 10.12 -13.03
C GLY A 237 -7.72 11.15 -11.96
N ALA A 238 -6.90 11.26 -10.93
CA ALA A 238 -7.16 12.24 -9.88
C ALA A 238 -6.77 13.66 -10.31
N THR A 239 -7.41 14.65 -9.66
CA THR A 239 -7.00 16.05 -9.73
C THR A 239 -6.19 16.34 -8.47
N VAL A 240 -4.92 16.69 -8.69
CA VAL A 240 -3.97 16.81 -7.58
C VAL A 240 -3.79 18.25 -7.16
N VAL A 241 -3.91 18.44 -5.83
CA VAL A 241 -3.48 19.66 -5.15
C VAL A 241 -2.10 19.36 -4.60
N ALA A 242 -1.09 19.95 -5.25
CA ALA A 242 0.31 19.78 -4.88
C ALA A 242 0.66 20.87 -3.89
N ILE A 243 1.08 20.47 -2.69
CA ILE A 243 1.43 21.41 -1.61
C ILE A 243 2.91 21.33 -1.29
N ASP A 244 3.54 22.47 -1.15
CA ASP A 244 4.90 22.52 -0.61
C ASP A 244 5.13 23.96 -0.14
N VAL A 245 6.30 24.20 0.42
CA VAL A 245 6.65 25.47 1.02
C VAL A 245 6.87 26.54 -0.04
N ASP A 246 6.64 27.80 0.34
CA ASP A 246 6.85 28.98 -0.53
C ASP A 246 8.15 28.92 -1.30
N GLY A 247 9.18 28.44 -0.62
CA GLY A 247 10.51 28.35 -1.17
C GLY A 247 10.68 27.39 -2.33
N ALA A 248 9.74 26.45 -2.44
CA ALA A 248 9.71 25.48 -3.55
C ALA A 248 8.64 25.81 -4.58
N ALA A 249 8.14 27.06 -4.60
CA ALA A 249 7.03 27.48 -5.45
C ALA A 249 7.25 27.19 -6.93
N GLU A 250 8.46 27.41 -7.42
CA GLU A 250 8.73 27.25 -8.87
C GLU A 250 8.62 25.79 -9.27
N ASP A 251 9.27 24.91 -8.50
CA ASP A 251 9.18 23.48 -8.75
C ASP A 251 7.75 22.98 -8.56
N LEU A 252 7.07 23.47 -7.52
CA LEU A 252 5.69 23.06 -7.28
C LEU A 252 4.76 23.42 -8.44
N LYS A 253 4.90 24.65 -8.97
CA LYS A 253 4.12 25.08 -10.13
C LYS A 253 4.35 24.17 -11.32
N ARG A 254 5.60 23.78 -11.57
CA ARG A 254 5.89 22.92 -12.70
CA ARG A 254 5.89 22.92 -12.70
C ARG A 254 5.23 21.55 -12.55
N VAL A 255 5.22 20.99 -11.34
CA VAL A 255 4.55 19.71 -11.11
C VAL A 255 3.04 19.87 -11.34
N ALA A 256 2.43 20.87 -10.71
CA ALA A 256 0.97 21.07 -10.78
C ALA A 256 0.55 21.23 -12.24
N ASP A 257 1.28 22.06 -13.01
CA ASP A 257 0.97 22.26 -14.43
C ASP A 257 1.00 20.95 -15.20
N LYS A 258 2.08 20.20 -15.01
CA LYS A 258 2.31 18.95 -15.76
C LYS A 258 1.20 17.95 -15.51
N VAL A 259 0.84 17.82 -14.24
CA VAL A 259 -0.18 16.81 -13.87
C VAL A 259 -1.62 17.28 -14.04
N GLY A 260 -1.81 18.53 -14.49
CA GLY A 260 -3.17 19.05 -14.60
C GLY A 260 -3.84 19.39 -13.29
N GLY A 261 -3.05 19.68 -12.29
CA GLY A 261 -3.58 20.02 -10.97
C GLY A 261 -3.33 21.46 -10.61
N THR A 262 -3.36 21.73 -9.32
CA THR A 262 -3.10 23.09 -8.80
C THR A 262 -1.99 23.05 -7.77
N ALA A 263 -1.31 24.19 -7.66
CA ALA A 263 -0.22 24.38 -6.70
C ALA A 263 -0.73 25.25 -5.55
N LEU A 264 -0.48 24.78 -4.35
CA LEU A 264 -0.81 25.49 -3.13
C LEU A 264 0.42 25.55 -2.23
N THR A 265 1.03 26.72 -2.15
CA THR A 265 2.18 26.92 -1.30
C THR A 265 1.69 27.23 0.10
N LEU A 266 2.23 26.49 1.07
CA LEU A 266 1.96 26.77 2.47
C LEU A 266 2.86 25.95 3.37
N ASP A 267 2.86 26.36 4.62
CA ASP A 267 3.62 25.71 5.67
C ASP A 267 2.59 24.86 6.39
N VAL A 268 2.76 23.53 6.32
CA VAL A 268 1.77 22.62 6.92
C VAL A 268 1.65 22.77 8.45
N THR A 269 2.65 23.39 9.09
CA THR A 269 2.64 23.64 10.52
C THR A 269 1.87 24.88 10.96
N ALA A 270 1.49 25.71 9.99
CA ALA A 270 0.88 27.02 10.30
C ALA A 270 -0.55 26.78 10.79
N ASP A 271 -1.02 27.66 11.68
CA ASP A 271 -2.35 27.48 12.25
C ASP A 271 -3.43 27.46 11.17
N ASP A 272 -3.21 28.23 10.13
CA ASP A 272 -4.22 28.32 9.06
C ASP A 272 -4.07 27.35 7.90
N ALA A 273 -3.27 26.29 8.07
CA ALA A 273 -3.07 25.35 6.98
C ALA A 273 -4.38 24.70 6.53
N VAL A 274 -5.18 24.26 7.50
CA VAL A 274 -6.47 23.63 7.22
C VAL A 274 -7.38 24.60 6.49
N ASP A 275 -7.46 25.83 6.99
CA ASP A 275 -8.26 26.86 6.32
C ASP A 275 -7.83 27.07 4.86
N LYS A 276 -6.52 27.17 4.64
CA LYS A 276 -6.01 27.45 3.31
C LYS A 276 -6.32 26.31 2.33
N ILE A 277 -6.21 25.08 2.80
CA ILE A 277 -6.53 23.90 1.96
C ILE A 277 -8.02 23.89 1.65
N THR A 278 -8.84 24.12 2.66
CA THR A 278 -10.27 24.17 2.48
C THR A 278 -10.66 25.27 1.47
N ALA A 279 -10.10 26.46 1.64
CA ALA A 279 -10.42 27.56 0.70
C ALA A 279 -9.99 27.19 -0.74
N HIS A 280 -8.83 26.56 -0.86
CA HIS A 280 -8.27 26.22 -2.17
C HIS A 280 -9.16 25.22 -2.90
N VAL A 281 -9.54 24.13 -2.23
CA VAL A 281 -10.41 23.12 -2.87
C VAL A 281 -11.81 23.67 -3.12
N THR A 282 -12.25 24.62 -2.30
CA THR A 282 -13.54 25.26 -2.54
C THR A 282 -13.46 26.07 -3.82
N GLU A 283 -12.35 26.77 -4.04
CA GLU A 283 -12.23 27.64 -5.21
C GLU A 283 -12.04 26.86 -6.50
N HIS A 284 -11.28 25.76 -6.43
CA HIS A 284 -10.85 25.05 -7.65
C HIS A 284 -11.42 23.66 -7.85
N HIS A 285 -11.76 22.98 -6.76
CA HIS A 285 -11.97 21.53 -6.82
C HIS A 285 -13.28 21.04 -6.23
N GLY A 286 -14.29 21.89 -6.26
CA GLY A 286 -15.62 21.48 -5.83
C GLY A 286 -15.83 21.34 -4.33
N GLY A 287 -14.88 21.82 -3.53
CA GLY A 287 -15.05 21.85 -2.08
C GLY A 287 -14.69 20.59 -1.30
N LYS A 288 -14.12 19.59 -1.97
CA LYS A 288 -13.79 18.31 -1.31
C LYS A 288 -12.34 17.89 -1.47
N VAL A 289 -11.86 17.17 -0.47
CA VAL A 289 -10.60 16.42 -0.53
C VAL A 289 -10.97 14.94 -0.33
N ASP A 290 -10.85 14.15 -1.39
CA ASP A 290 -11.06 12.72 -1.31
C ASP A 290 -9.87 11.97 -0.75
N ILE A 291 -8.66 12.44 -1.00
CA ILE A 291 -7.44 11.70 -0.65
C ILE A 291 -6.44 12.69 -0.07
N LEU A 292 -5.95 12.42 1.13
CA LEU A 292 -4.91 13.24 1.74
C LEU A 292 -3.69 12.37 1.92
N VAL A 293 -2.56 12.81 1.35
CA VAL A 293 -1.28 12.09 1.51
C VAL A 293 -0.32 12.96 2.32
N ASN A 294 -0.11 12.59 3.57
CA ASN A 294 0.79 13.32 4.46
C ASN A 294 2.23 12.85 4.19
N ASN A 295 2.78 13.42 3.13
CA ASN A 295 4.13 13.07 2.66
C ASN A 295 5.21 14.06 3.12
N ALA A 296 4.86 15.32 3.37
CA ALA A 296 5.86 16.31 3.78
C ALA A 296 6.59 15.82 5.04
N GLY A 297 7.91 16.00 5.07
CA GLY A 297 8.67 15.62 6.24
C GLY A 297 10.05 16.27 6.19
N ILE A 298 10.61 16.51 7.35
CA ILE A 298 12.01 17.00 7.46
C ILE A 298 12.77 16.09 8.40
N THR A 299 14.09 16.18 8.33
CA THR A 299 14.97 15.54 9.29
C THR A 299 15.83 16.62 9.90
N ARG A 300 16.17 16.43 11.16
CA ARG A 300 17.15 17.24 11.89
C ARG A 300 17.99 16.25 12.70
N ASP A 301 18.85 15.54 12.00
CA ASP A 301 19.53 14.39 12.57
C ASP A 301 20.55 14.84 13.61
N LYS A 302 20.48 14.19 14.78
CA LYS A 302 21.40 14.40 15.87
C LYS A 302 21.28 13.21 16.84
N LEU A 303 22.39 12.75 17.40
CA LEU A 303 22.32 11.74 18.47
C LEU A 303 21.57 12.39 19.62
N LEU A 304 20.83 11.59 20.38
CA LEU A 304 20.04 12.17 21.45
C LEU A 304 20.95 12.87 22.46
N ALA A 305 22.14 12.34 22.68
CA ALA A 305 23.11 12.94 23.61
C ALA A 305 23.47 14.37 23.17
N ASN A 306 23.31 14.64 21.88
CA ASN A 306 23.67 15.94 21.29
C ASN A 306 22.46 16.76 20.82
N MET A 307 21.25 16.30 21.19
CA MET A 307 20.03 16.90 20.73
C MET A 307 19.86 18.31 21.34
N ASP A 308 19.17 19.17 20.62
CA ASP A 308 18.70 20.42 21.13
C ASP A 308 17.20 20.64 20.83
N GLU A 309 16.66 21.66 21.47
CA GLU A 309 15.23 21.92 21.45
C GLU A 309 14.70 22.19 20.06
N LYS A 310 15.40 23.01 19.28
CA LYS A 310 14.91 23.36 17.92
C LYS A 310 14.89 22.17 16.98
N ARG A 311 15.91 21.31 17.07
CA ARG A 311 16.00 20.10 16.22
C ARG A 311 14.93 19.07 16.60
N TRP A 312 14.62 18.97 17.88
CA TRP A 312 13.49 18.12 18.33
C TRP A 312 12.14 18.68 17.88
N ASP A 313 11.88 19.93 18.22
CA ASP A 313 10.58 20.53 17.97
C ASP A 313 10.21 20.66 16.48
N ALA A 314 11.16 21.07 15.66
CA ALA A 314 10.92 21.24 14.23
C ALA A 314 10.46 19.96 13.61
N VAL A 315 11.08 18.86 13.99
CA VAL A 315 10.77 17.54 13.41
C VAL A 315 9.38 17.06 13.89
N ILE A 316 9.10 17.20 15.19
CA ILE A 316 7.80 16.82 15.71
C ILE A 316 6.68 17.69 15.06
N ALA A 317 6.97 18.98 14.86
CA ALA A 317 5.97 19.90 14.31
C ALA A 317 5.59 19.50 12.87
N VAL A 318 6.58 19.33 12.00
CA VAL A 318 6.32 19.02 10.61
C VAL A 318 5.76 17.60 10.40
N ASN A 319 6.40 16.64 11.07
CA ASN A 319 6.20 15.25 10.74
C ASN A 319 5.09 14.54 11.53
N LEU A 320 4.68 15.10 12.66
CA LEU A 320 3.68 14.42 13.53
C LEU A 320 2.51 15.35 13.84
N LEU A 321 2.77 16.53 14.40
CA LEU A 321 1.71 17.45 14.71
C LEU A 321 0.95 17.88 13.45
N ALA A 322 1.68 18.19 12.37
CA ALA A 322 1.03 18.70 11.15
C ALA A 322 0.13 17.64 10.54
N PRO A 323 0.62 16.38 10.34
CA PRO A 323 -0.32 15.41 9.74
C PRO A 323 -1.54 15.13 10.60
N GLN A 324 -1.33 15.14 11.91
CA GLN A 324 -2.44 14.96 12.86
C GLN A 324 -3.45 16.10 12.69
N ARG A 325 -2.96 17.33 12.63
CA ARG A 325 -3.83 18.50 12.49
C ARG A 325 -4.51 18.58 11.12
N LEU A 326 -3.77 18.32 10.05
CA LEU A 326 -4.41 18.36 8.71
C LEU A 326 -5.52 17.30 8.62
N THR A 327 -5.28 16.13 9.18
CA THR A 327 -6.25 15.04 9.10
C THR A 327 -7.45 15.40 9.98
N GLU A 328 -7.21 15.75 11.24
CA GLU A 328 -8.33 16.00 12.13
C GLU A 328 -9.10 17.26 11.74
N GLY A 329 -8.40 18.27 11.24
CA GLY A 329 -9.02 19.53 10.85
C GLY A 329 -9.85 19.41 9.60
N LEU A 330 -9.31 18.72 8.60
CA LEU A 330 -10.06 18.51 7.34
C LEU A 330 -11.22 17.56 7.48
N VAL A 331 -11.10 16.55 8.32
CA VAL A 331 -12.27 15.73 8.65
C VAL A 331 -13.26 16.58 9.45
N GLY A 332 -12.70 17.36 10.36
CA GLY A 332 -13.53 18.11 11.28
C GLY A 332 -14.41 19.19 10.65
N ASN A 333 -14.04 19.71 9.46
CA ASN A 333 -14.87 20.70 8.79
C ASN A 333 -15.60 20.12 7.58
N GLY A 334 -15.49 18.81 7.46
CA GLY A 334 -16.18 18.05 6.42
C GLY A 334 -15.51 18.03 5.06
N THR A 335 -14.34 18.65 4.92
CA THR A 335 -13.62 18.65 3.63
C THR A 335 -13.29 17.22 3.26
N ILE A 336 -12.84 16.43 4.24
CA ILE A 336 -12.68 14.99 4.07
C ILE A 336 -13.92 14.40 4.71
N GLY A 337 -14.62 13.56 3.93
CA GLY A 337 -15.86 12.96 4.32
C GLY A 337 -16.02 11.58 3.71
N GLU A 338 -17.27 11.20 3.44
CA GLU A 338 -17.58 9.87 2.94
C GLU A 338 -16.73 9.53 1.72
N GLY A 339 -16.07 8.36 1.78
CA GLY A 339 -15.17 7.98 0.69
C GLY A 339 -13.73 8.44 0.88
N GLY A 340 -13.45 9.17 1.95
CA GLY A 340 -12.12 9.68 2.16
C GLY A 340 -11.02 8.65 2.40
N ARG A 341 -9.78 9.01 2.02
CA ARG A 341 -8.66 8.11 2.14
C ARG A 341 -7.48 8.93 2.63
N VAL A 342 -6.95 8.59 3.81
CA VAL A 342 -5.79 9.31 4.35
C VAL A 342 -4.63 8.33 4.33
N ILE A 343 -3.49 8.75 3.79
CA ILE A 343 -2.32 7.90 3.79
C ILE A 343 -1.16 8.70 4.36
N GLY A 344 -0.57 8.19 5.44
CA GLY A 344 0.60 8.81 6.02
C GLY A 344 1.86 8.14 5.57
N LEU A 345 2.94 8.91 5.48
CA LEU A 345 4.22 8.29 5.18
C LEU A 345 4.92 7.99 6.49
N SER A 346 5.04 6.72 6.80
CA SER A 346 5.96 6.27 7.82
C SER A 346 7.32 6.06 7.20
N SER A 347 8.17 5.26 7.81
CA SER A 347 9.47 4.99 7.25
C SER A 347 10.12 3.83 7.98
N MET A 348 11.22 3.34 7.44
CA MET A 348 11.97 2.29 8.13
C MET A 348 12.40 2.73 9.50
N ALA A 349 12.78 3.99 9.67
CA ALA A 349 13.21 4.49 10.99
C ALA A 349 12.06 4.35 12.01
N GLY A 350 10.84 4.58 11.54
CA GLY A 350 9.64 4.44 12.39
C GLY A 350 9.41 3.01 12.89
N ILE A 351 9.78 2.03 12.08
CA ILE A 351 9.59 0.61 12.39
C ILE A 351 10.77 -0.01 13.13
N ALA A 352 11.98 0.28 12.64
CA ALA A 352 13.19 -0.36 13.11
C ALA A 352 14.09 0.53 13.96
N GLY A 353 13.84 1.83 13.95
CA GLY A 353 14.71 2.81 14.57
C GLY A 353 15.91 3.09 13.69
N ASN A 354 16.51 4.26 13.91
CA ASN A 354 17.74 4.62 13.21
C ASN A 354 18.59 5.51 14.08
N ARG A 355 19.88 5.22 14.11
CA ARG A 355 20.84 6.06 14.79
C ARG A 355 20.74 7.52 14.33
N GLY A 356 20.73 8.45 15.30
CA GLY A 356 20.68 9.87 15.02
C GLY A 356 19.29 10.38 14.70
N GLN A 357 18.27 9.53 14.88
CA GLN A 357 16.90 9.88 14.48
C GLN A 357 15.86 9.60 15.53
N THR A 358 16.20 9.81 16.81
CA THR A 358 15.19 9.67 17.85
C THR A 358 14.01 10.62 17.61
N ASN A 359 14.29 11.79 17.06
CA ASN A 359 13.21 12.72 16.73
C ASN A 359 12.37 12.23 15.52
N TYR A 360 13.04 11.96 14.42
CA TYR A 360 12.40 11.53 13.18
C TYR A 360 11.67 10.20 13.34
N ALA A 361 12.34 9.22 13.96
CA ALA A 361 11.74 7.88 14.19
C ALA A 361 10.48 7.95 15.06
N THR A 362 10.52 8.80 16.09
CA THR A 362 9.34 9.04 16.89
C THR A 362 8.16 9.50 16.00
N THR A 363 8.44 10.45 15.12
CA THR A 363 7.35 10.95 14.26
C THR A 363 6.85 9.89 13.30
N LYS A 364 7.75 9.06 12.79
CA LYS A 364 7.38 8.05 11.80
C LYS A 364 6.66 6.87 12.44
N ALA A 365 7.00 6.53 13.68
CA ALA A 365 6.19 5.60 14.48
C ALA A 365 4.84 6.25 14.81
N GLY A 366 4.87 7.53 15.07
CA GLY A 366 3.65 8.30 15.30
C GLY A 366 2.67 8.26 14.14
N MET A 367 3.18 8.22 12.91
CA MET A 367 2.34 8.12 11.71
C MET A 367 1.61 6.76 11.63
N ILE A 368 2.27 5.70 12.09
CA ILE A 368 1.63 4.40 12.30
C ILE A 368 0.55 4.54 13.38
N GLY A 369 0.91 5.17 14.49
CA GLY A 369 -0.06 5.42 15.56
C GLY A 369 -1.28 6.18 15.11
N LEU A 370 -1.08 7.17 14.21
CA LEU A 370 -2.21 7.93 13.73
CA LEU A 370 -2.21 7.94 13.69
C LEU A 370 -3.18 7.04 12.92
N ALA A 371 -2.62 6.14 12.12
CA ALA A 371 -3.46 5.20 11.37
C ALA A 371 -4.18 4.24 12.32
N GLU A 372 -3.44 3.74 13.31
CA GLU A 372 -4.01 2.75 14.24
C GLU A 372 -5.10 3.35 15.12
N ALA A 373 -4.90 4.60 15.55
CA ALA A 373 -5.80 5.26 16.49
C ALA A 373 -7.02 5.84 15.80
N LEU A 374 -6.83 6.41 14.62
CA LEU A 374 -7.92 7.07 13.94
C LEU A 374 -8.79 6.11 13.13
N ALA A 375 -8.26 4.93 12.77
CA ALA A 375 -9.02 4.02 11.95
C ALA A 375 -10.45 3.76 12.49
N PRO A 376 -10.57 3.37 13.75
CA PRO A 376 -11.93 3.13 14.24
C PRO A 376 -12.80 4.36 14.36
N VAL A 377 -12.22 5.51 14.65
CA VAL A 377 -12.95 6.77 14.77
C VAL A 377 -13.45 7.25 13.40
N LEU A 378 -12.59 7.12 12.40
CA LEU A 378 -12.89 7.60 11.04
C LEU A 378 -13.82 6.64 10.29
N ALA A 379 -13.87 5.37 10.70
CA ALA A 379 -14.77 4.38 10.12
C ALA A 379 -16.22 4.87 10.07
N ASP A 380 -16.66 5.53 11.14
CA ASP A 380 -18.02 6.02 11.30
C ASP A 380 -18.40 7.06 10.22
N LYS A 381 -17.40 7.71 9.63
CA LYS A 381 -17.58 8.77 8.61
C LYS A 381 -17.24 8.29 7.21
N GLY A 382 -16.90 7.01 7.08
CA GLY A 382 -16.63 6.40 5.78
C GLY A 382 -15.27 6.77 5.24
N ILE A 383 -14.31 6.94 6.14
CA ILE A 383 -12.94 7.34 5.84
C ILE A 383 -11.96 6.28 6.31
N THR A 384 -11.00 5.91 5.45
CA THR A 384 -9.94 5.03 5.87
C THR A 384 -8.64 5.81 6.09
N ILE A 385 -7.77 5.22 6.90
CA ILE A 385 -6.44 5.79 7.14
C ILE A 385 -5.43 4.65 7.28
N ASN A 386 -4.35 4.78 6.50
CA ASN A 386 -3.31 3.78 6.43
C ASN A 386 -1.95 4.49 6.42
N ALA A 387 -0.89 3.70 6.54
CA ALA A 387 0.50 4.20 6.51
C ALA A 387 1.35 3.33 5.54
N VAL A 388 2.27 4.00 4.86
CA VAL A 388 3.22 3.37 3.94
C VAL A 388 4.63 3.66 4.47
N ALA A 389 5.45 2.61 4.54
CA ALA A 389 6.84 2.74 5.00
C ALA A 389 7.78 2.36 3.88
N PRO A 390 8.33 3.35 3.19
CA PRO A 390 9.31 2.96 2.17
C PRO A 390 10.60 2.36 2.74
N GLY A 391 11.22 1.51 1.94
CA GLY A 391 12.55 1.03 2.21
C GLY A 391 13.59 1.91 1.58
N PHE A 392 14.54 1.29 0.90
CA PHE A 392 15.58 2.01 0.21
C PHE A 392 15.08 2.35 -1.16
N ILE A 393 14.88 3.64 -1.41
CA ILE A 393 14.36 4.13 -2.65
C ILE A 393 15.41 5.05 -3.26
N GLU A 394 15.64 4.88 -4.55
CA GLU A 394 16.59 5.73 -5.30
C GLU A 394 15.99 7.13 -5.43
N THR A 395 16.62 8.12 -4.80
CA THR A 395 16.15 9.52 -4.89
C THR A 395 17.34 10.47 -5.01
N ARG A 406 25.03 2.99 1.03
CA ARG A 406 24.13 3.10 -0.11
C ARG A 406 24.01 1.77 -0.85
N GLU A 407 25.13 1.14 -1.14
CA GLU A 407 25.13 -0.16 -1.82
C GLU A 407 24.56 -1.27 -0.90
N VAL A 408 24.74 -1.09 0.42
CA VAL A 408 24.20 -2.05 1.38
C VAL A 408 22.67 -1.90 1.47
N GLY A 409 22.21 -0.66 1.59
CA GLY A 409 20.78 -0.42 1.63
C GLY A 409 20.14 -0.93 0.36
N ARG A 410 20.85 -0.73 -0.75
CA ARG A 410 20.40 -1.08 -2.07
C ARG A 410 20.24 -2.58 -2.30
N ARG A 411 21.17 -3.40 -1.82
CA ARG A 411 21.14 -4.83 -2.15
C ARG A 411 20.54 -5.75 -1.05
N LEU A 412 20.35 -5.25 0.16
CA LEU A 412 19.96 -6.11 1.29
C LEU A 412 18.43 -6.27 1.37
N ASN A 413 17.87 -6.80 0.29
CA ASN A 413 16.44 -7.07 0.17
C ASN A 413 16.29 -8.20 -0.83
N SER A 414 15.12 -8.82 -0.91
CA SER A 414 14.94 -10.02 -1.74
C SER A 414 15.09 -9.71 -3.22
N LEU A 415 14.80 -8.48 -3.61
CA LEU A 415 14.87 -8.11 -5.02
C LEU A 415 16.25 -7.59 -5.42
N PHE A 416 17.19 -7.54 -4.48
CA PHE A 416 18.61 -7.17 -4.76
C PHE A 416 18.76 -5.83 -5.48
N GLN A 417 17.90 -4.88 -5.15
CA GLN A 417 17.96 -3.56 -5.76
C GLN A 417 17.19 -2.54 -4.94
N GLY A 418 17.51 -1.25 -5.13
CA GLY A 418 16.71 -0.19 -4.49
C GLY A 418 15.42 -0.02 -5.27
N GLY A 419 14.41 0.52 -4.62
CA GLY A 419 13.17 0.85 -5.27
C GLY A 419 13.18 2.18 -5.99
N GLN A 420 12.10 2.48 -6.69
CA GLN A 420 11.90 3.71 -7.41
C GLN A 420 10.76 4.47 -6.78
N PRO A 421 10.79 5.82 -6.88
CA PRO A 421 9.67 6.60 -6.33
C PRO A 421 8.30 6.12 -6.80
N VAL A 422 8.19 5.72 -8.05
CA VAL A 422 6.89 5.25 -8.56
C VAL A 422 6.34 4.09 -7.73
N ASP A 423 7.24 3.24 -7.23
CA ASP A 423 6.84 2.05 -6.47
C ASP A 423 6.11 2.44 -5.16
N VAL A 424 6.58 3.50 -4.54
CA VAL A 424 5.97 4.05 -3.34
C VAL A 424 4.62 4.65 -3.67
N ALA A 425 4.58 5.42 -4.74
CA ALA A 425 3.38 6.05 -5.18
C ALA A 425 2.29 5.02 -5.50
N GLU A 426 2.65 3.88 -6.08
CA GLU A 426 1.66 2.85 -6.42
C GLU A 426 0.97 2.28 -5.18
N LEU A 427 1.75 2.00 -4.14
CA LEU A 427 1.17 1.49 -2.91
C LEU A 427 0.20 2.53 -2.30
N ILE A 428 0.62 3.79 -2.30
CA ILE A 428 -0.26 4.90 -1.82
C ILE A 428 -1.55 4.95 -2.63
N ALA A 429 -1.44 4.81 -3.96
CA ALA A 429 -2.61 4.86 -4.86
C ALA A 429 -3.57 3.70 -4.62
N TYR A 430 -3.01 2.54 -4.24
CA TYR A 430 -3.84 1.41 -3.83
C TYR A 430 -4.69 1.78 -2.62
N PHE A 431 -4.09 2.34 -1.58
CA PHE A 431 -4.91 2.67 -0.40
C PHE A 431 -5.95 3.75 -0.77
N ALA A 432 -5.58 4.62 -1.71
CA ALA A 432 -6.42 5.74 -2.15
C ALA A 432 -7.64 5.31 -2.97
N SER A 433 -7.61 4.09 -3.46
CA SER A 433 -8.65 3.61 -4.36
C SER A 433 -10.05 3.73 -3.68
N PRO A 434 -11.06 4.17 -4.45
CA PRO A 434 -12.40 4.16 -3.85
C PRO A 434 -12.84 2.73 -3.46
N ALA A 435 -12.27 1.73 -4.15
CA ALA A 435 -12.58 0.32 -3.89
C ALA A 435 -11.81 -0.26 -2.69
N SER A 436 -10.95 0.55 -2.08
CA SER A 436 -10.20 0.12 -0.89
C SER A 436 -10.81 0.54 0.45
N ASN A 437 -12.13 0.65 0.49
CA ASN A 437 -12.86 1.03 1.71
C ASN A 437 -12.78 0.03 2.86
N ALA A 438 -12.45 -1.24 2.55
CA ALA A 438 -12.32 -2.30 3.54
C ALA A 438 -10.86 -2.46 4.00
N VAL A 439 -10.01 -1.47 3.72
CA VAL A 439 -8.62 -1.52 4.14
C VAL A 439 -8.32 -0.28 4.96
N THR A 440 -8.09 -0.47 6.26
CA THR A 440 -7.82 0.65 7.14
C THR A 440 -6.93 0.20 8.29
N GLY A 441 -6.23 1.16 8.88
CA GLY A 441 -5.32 0.91 9.99
C GLY A 441 -4.11 0.05 9.66
N ASN A 442 -3.85 -0.14 8.37
CA ASN A 442 -2.70 -0.89 7.89
C ASN A 442 -1.43 -0.03 7.78
N THR A 443 -0.30 -0.64 8.12
CA THR A 443 1.01 -0.09 7.73
C THR A 443 1.67 -1.14 6.82
N ILE A 444 2.01 -0.75 5.61
CA ILE A 444 2.62 -1.67 4.64
C ILE A 444 3.91 -1.08 4.16
N ARG A 445 4.95 -1.87 4.13
CA ARG A 445 6.24 -1.41 3.63
C ARG A 445 6.35 -1.58 2.11
N VAL A 446 7.14 -0.70 1.48
CA VAL A 446 7.45 -0.82 0.05
C VAL A 446 8.97 -0.80 0.00
N CYS A 447 9.53 -2.01 0.14
CA CYS A 447 10.93 -2.23 0.50
C CYS A 447 11.63 -3.39 -0.23
N GLY A 448 10.96 -4.05 -1.20
CA GLY A 448 11.58 -5.19 -1.90
C GLY A 448 11.88 -6.37 -0.98
N GLN A 449 11.18 -6.41 0.16
CA GLN A 449 11.43 -7.34 1.25
C GLN A 449 12.86 -7.10 1.80
N ALA A 450 13.03 -5.93 2.40
CA ALA A 450 14.30 -5.58 2.96
C ALA A 450 14.57 -6.40 4.22
N MET A 451 15.81 -6.75 4.43
CA MET A 451 16.25 -7.47 5.63
C MET A 451 15.88 -6.69 6.91
N LEU A 452 16.10 -5.39 6.87
CA LEU A 452 15.88 -4.49 8.02
C LEU A 452 14.45 -4.54 8.51
N GLY A 453 14.28 -4.64 9.83
CA GLY A 453 12.96 -4.58 10.43
C GLY A 453 12.99 -4.69 11.94
N ALA A 454 11.83 -5.03 12.48
CA ALA A 454 11.60 -5.17 13.91
C ALA A 454 11.31 -6.62 14.29
NA NA B . -10.51 -14.61 -18.10
#